data_1FZL
#
_entry.id   1FZL
#
_cell.length_a   1.000
_cell.length_b   1.000
_cell.length_c   1.000
_cell.angle_alpha   90.00
_cell.angle_beta   90.00
_cell.angle_gamma   90.00
#
_symmetry.space_group_name_H-M   'P 1'
#
loop_
_entity.id
_entity.type
_entity.pdbx_description
1 polymer "5'-D(*CP*AP*CP*AP*AP*AP*CP*AP*(PYP)P*GP*CP*AP*C)-3'"
2 polymer "5'-D(*GP*TP*GP*CP*(3DR)P*TP*GP*TP*TP*TP*GP*TP*G)-3'"
#
loop_
_entity_poly.entity_id
_entity_poly.type
_entity_poly.pdbx_seq_one_letter_code
_entity_poly.pdbx_strand_id
1 'polydeoxyribonucleotide' (DC)(DA)(DC)(DA)(DA)(DA)(DC)(DA)(PYP)(DG)(DC)(DA)(DC) A
2 'polydeoxyribonucleotide' (DG)(DT)(DG)(DC)(3DR)(DT)(DG)(DT)(DT)(DT)(DG)(DT)(DG) B
#